data_1L5X
#
_entry.id   1L5X
#
_cell.length_a   90.500
_cell.length_b   90.500
_cell.length_c   129.951
_cell.angle_alpha   90.00
_cell.angle_beta   90.00
_cell.angle_gamma   120.00
#
_symmetry.space_group_name_H-M   'P 31 2 1'
#
loop_
_entity.id
_entity.type
_entity.pdbx_description
1 polymer 'Survival protein E'
2 non-polymer GLYCEROL
3 non-polymer 'ACETIC ACID'
4 water water
#
_entity_poly.entity_id   1
_entity_poly.type   'polypeptide(L)'
_entity_poly.pdbx_seq_one_letter_code
;(MSE)KILVTNDDGVHSPGLRLLYQFALSLGDVDVVAPESPKSATGLGITLHKPLR(MSE)YEVDLCGFRAIATSGTPSD
TVYLATFGLGRKYDIVLSGINLGDNTSLQVILSSGTLGAAFQAALLGIPALAYSAYLENWNELLNNKEAVEI(MSE)GAV
VSSTASYVLKNG(MSE)PQGVDVISVNFPRRLGRGVRAKLVKAAKLRYAQQVVERVDPRGVRYYWLYGRDLAPEPETDVY
VVLKEGGIAITPLTLNLNAVDAHREVD(MSE)DSLNR(MSE)VEYINASLSKLAAALEHHHHHH
;
_entity_poly.pdbx_strand_id   A,B
#
# COMPACT_ATOMS: atom_id res chain seq x y z
N LYS A 2 -4.80 8.18 25.40
CA LYS A 2 -3.97 9.05 24.56
C LYS A 2 -4.40 8.80 23.10
N ILE A 3 -4.88 9.86 22.47
CA ILE A 3 -5.37 9.79 21.11
C ILE A 3 -4.46 10.52 20.14
N LEU A 4 -4.08 9.89 19.05
CA LEU A 4 -3.26 10.57 18.05
C LEU A 4 -4.21 10.88 16.87
N VAL A 5 -4.27 12.14 16.45
CA VAL A 5 -5.09 12.53 15.32
C VAL A 5 -4.12 12.93 14.20
N THR A 6 -4.32 12.41 13.00
CA THR A 6 -3.46 12.72 11.89
C THR A 6 -4.24 12.70 10.58
N ASN A 7 -3.57 12.90 9.45
CA ASN A 7 -4.25 12.89 8.14
C ASN A 7 -3.18 12.88 7.03
N ASP A 8 -3.61 13.01 5.79
CA ASP A 8 -2.63 13.02 4.70
C ASP A 8 -2.90 14.14 3.69
N ASP A 9 -3.76 15.08 4.04
CA ASP A 9 -4.10 16.21 3.17
C ASP A 9 -3.26 17.41 3.51
N GLY A 10 -2.48 17.29 4.58
CA GLY A 10 -1.70 18.42 5.03
C GLY A 10 -2.21 18.91 6.38
N VAL A 11 -1.27 19.36 7.18
CA VAL A 11 -1.55 19.87 8.51
C VAL A 11 -2.52 21.07 8.51
N HIS A 12 -2.66 21.76 7.39
CA HIS A 12 -3.58 22.90 7.32
C HIS A 12 -4.97 22.51 6.80
N SER A 13 -5.18 21.22 6.57
CA SER A 13 -6.49 20.79 6.09
C SER A 13 -7.61 21.03 7.11
N PRO A 14 -8.73 21.62 6.67
CA PRO A 14 -9.87 21.85 7.58
C PRO A 14 -10.37 20.49 8.07
N GLY A 15 -10.16 19.43 7.29
CA GLY A 15 -10.61 18.10 7.73
C GLY A 15 -9.85 17.63 8.97
N LEU A 16 -8.60 18.06 9.11
CA LEU A 16 -7.79 17.68 10.26
C LEU A 16 -8.26 18.43 11.49
N ARG A 17 -8.68 19.67 11.31
CA ARG A 17 -9.18 20.46 12.44
C ARG A 17 -10.52 19.87 12.94
N LEU A 18 -11.41 19.48 12.04
CA LEU A 18 -12.66 18.83 12.45
C LEU A 18 -12.41 17.57 13.25
N LEU A 19 -11.54 16.69 12.74
CA LEU A 19 -11.25 15.44 13.42
C LEU A 19 -10.71 15.74 14.83
N TYR A 20 -9.80 16.70 14.95
CA TYR A 20 -9.29 17.09 16.26
C TYR A 20 -10.48 17.51 17.19
N GLN A 21 -11.36 18.35 16.69
CA GLN A 21 -12.50 18.78 17.50
C GLN A 21 -13.39 17.63 17.89
N PHE A 22 -13.66 16.73 16.94
CA PHE A 22 -14.48 15.57 17.24
C PHE A 22 -13.80 14.71 18.30
N ALA A 23 -12.48 14.64 18.26
CA ALA A 23 -11.74 13.80 19.21
C ALA A 23 -11.59 14.36 20.62
N LEU A 24 -11.65 15.67 20.77
CA LEU A 24 -11.45 16.25 22.10
C LEU A 24 -12.26 15.63 23.21
N SER A 25 -13.49 15.22 22.93
CA SER A 25 -14.32 14.65 24.00
C SER A 25 -13.94 13.23 24.41
N LEU A 26 -12.99 12.60 23.72
CA LEU A 26 -12.59 11.22 24.01
C LEU A 26 -11.41 11.03 24.96
N GLY A 27 -10.57 12.06 25.08
CA GLY A 27 -9.38 11.97 25.91
C GLY A 27 -8.33 13.00 25.51
N ASP A 28 -7.07 12.75 25.86
CA ASP A 28 -5.96 13.68 25.56
C ASP A 28 -5.50 13.50 24.11
N VAL A 29 -5.69 14.52 23.29
CA VAL A 29 -5.37 14.44 21.89
C VAL A 29 -4.11 15.14 21.37
N ASP A 30 -3.30 14.42 20.61
CA ASP A 30 -2.13 15.02 19.97
C ASP A 30 -2.43 15.00 18.47
N VAL A 31 -2.02 16.07 17.79
CA VAL A 31 -2.19 16.18 16.36
C VAL A 31 -0.77 16.23 15.76
N VAL A 32 -0.49 15.27 14.88
CA VAL A 32 0.81 15.17 14.24
C VAL A 32 0.47 14.76 12.81
N ALA A 33 0.94 15.54 11.83
CA ALA A 33 0.63 15.23 10.44
C ALA A 33 1.67 15.81 9.51
N PRO A 34 1.79 15.26 8.26
CA PRO A 34 2.77 15.76 7.29
C PRO A 34 2.40 17.20 6.97
N GLU A 35 3.41 18.04 6.78
CA GLU A 35 3.22 19.46 6.49
C GLU A 35 2.43 19.68 5.18
N SER A 36 2.72 18.89 4.15
CA SER A 36 2.00 19.06 2.88
C SER A 36 1.13 17.86 2.50
N PRO A 37 0.36 17.98 1.41
CA PRO A 37 -0.52 16.87 0.98
C PRO A 37 0.23 15.68 0.38
N LYS A 38 -0.38 14.49 0.49
CA LYS A 38 0.20 13.24 -0.02
C LYS A 38 0.53 13.32 -1.51
N SER A 39 0.03 14.37 -2.16
CA SER A 39 0.28 14.62 -3.58
C SER A 39 1.52 15.51 -3.66
N ALA A 40 2.48 15.19 -2.79
CA ALA A 40 3.74 15.91 -2.68
C ALA A 40 4.57 15.07 -1.73
N THR A 41 3.92 14.56 -0.68
CA THR A 41 4.59 13.69 0.28
C THR A 41 4.30 12.31 -0.28
N GLY A 42 5.33 11.52 -0.54
CA GLY A 42 5.05 10.20 -1.08
C GLY A 42 4.16 9.37 -0.16
N LEU A 43 4.33 8.07 -0.26
CA LEU A 43 3.59 7.11 0.54
C LEU A 43 4.65 6.08 0.90
N GLY A 44 4.60 5.58 2.12
CA GLY A 44 5.60 4.61 2.48
C GLY A 44 6.70 5.13 3.37
N ILE A 45 7.23 4.22 4.17
CA ILE A 45 8.33 4.43 5.09
C ILE A 45 9.44 5.32 4.48
N THR A 46 9.94 6.33 5.18
CA THR A 46 11.01 7.15 4.62
C THR A 46 12.36 6.63 5.12
N LEU A 47 13.16 6.03 4.23
CA LEU A 47 14.47 5.51 4.60
C LEU A 47 15.62 6.33 4.04
N HIS A 48 15.43 6.88 2.85
CA HIS A 48 16.47 7.63 2.19
C HIS A 48 16.89 8.95 2.83
N LYS A 49 16.07 9.49 3.73
CA LYS A 49 16.43 10.75 4.37
C LYS A 49 15.85 10.84 5.77
N PRO A 50 16.37 11.78 6.60
CA PRO A 50 15.90 11.97 7.96
C PRO A 50 14.66 12.84 7.94
N LEU A 51 13.96 12.91 9.05
CA LEU A 51 12.74 13.70 9.06
C LEU A 51 12.83 14.89 10.00
N ARG A 52 11.94 15.88 9.81
CA ARG A 52 11.85 17.05 10.70
C ARG A 52 10.42 17.07 11.28
N TYR A 54 8.01 19.96 13.69
CA TYR A 54 7.96 21.27 14.33
C TYR A 54 6.53 21.70 14.59
N GLU A 55 6.40 22.49 15.64
CA GLU A 55 5.12 23.01 16.07
C GLU A 55 4.55 23.98 15.07
N VAL A 56 3.24 23.91 14.88
CA VAL A 56 2.56 24.78 13.95
C VAL A 56 1.33 25.27 14.69
N ASP A 57 1.05 26.56 14.55
CA ASP A 57 -0.09 27.17 15.19
C ASP A 57 -1.20 27.21 14.17
N LEU A 58 -2.20 26.36 14.31
CA LEU A 58 -3.27 26.36 13.35
C LEU A 58 -4.37 27.32 13.81
N CYS A 59 -4.17 27.95 14.97
CA CYS A 59 -5.11 28.89 15.57
C CYS A 59 -6.35 28.15 16.07
N GLY A 60 -6.43 28.03 17.39
CA GLY A 60 -7.51 27.31 18.03
C GLY A 60 -6.85 26.09 18.64
N PHE A 61 -5.66 25.77 18.12
CA PHE A 61 -4.87 24.66 18.62
C PHE A 61 -3.58 24.55 17.85
N ARG A 62 -2.65 23.81 18.44
CA ARG A 62 -1.36 23.60 17.84
C ARG A 62 -1.26 22.15 17.42
N ALA A 63 -0.33 21.92 16.50
CA ALA A 63 -0.08 20.60 15.99
C ALA A 63 1.38 20.54 15.68
N ILE A 64 1.83 19.33 15.41
CA ILE A 64 3.20 19.12 15.01
C ILE A 64 3.16 18.72 13.53
N ALA A 65 3.88 19.46 12.69
CA ALA A 65 3.96 19.15 11.29
C ALA A 65 5.26 18.35 11.11
N THR A 66 5.26 17.44 10.12
CA THR A 66 6.46 16.65 9.86
C THR A 66 6.81 16.80 8.39
N SER A 67 8.02 16.37 8.03
CA SER A 67 8.44 16.42 6.66
C SER A 67 8.32 14.98 6.11
N GLY A 68 7.65 14.10 6.84
CA GLY A 68 7.58 12.73 6.32
C GLY A 68 6.32 12.38 5.56
N THR A 69 6.10 11.08 5.33
CA THR A 69 4.88 10.66 4.68
C THR A 69 3.88 10.28 5.79
N PRO A 70 2.62 10.05 5.41
CA PRO A 70 1.65 9.67 6.45
C PRO A 70 2.08 8.36 7.12
N SER A 71 2.82 7.50 6.40
CA SER A 71 3.28 6.23 6.97
C SER A 71 4.31 6.45 8.11
N ASP A 72 5.11 7.51 8.01
CA ASP A 72 6.14 7.81 9.04
C ASP A 72 5.50 8.44 10.31
N THR A 73 4.31 9.02 10.17
CA THR A 73 3.64 9.71 11.27
C THR A 73 3.56 9.04 12.62
N VAL A 74 3.01 7.82 12.65
CA VAL A 74 2.89 7.08 13.89
C VAL A 74 4.24 6.82 14.51
N TYR A 75 5.27 6.61 13.70
CA TYR A 75 6.59 6.37 14.27
C TYR A 75 7.10 7.63 14.94
N LEU A 76 6.99 8.74 14.22
CA LEU A 76 7.43 10.01 14.77
C LEU A 76 6.61 10.40 16.02
N ALA A 77 5.30 10.31 15.90
CA ALA A 77 4.43 10.70 17.01
C ALA A 77 4.68 9.84 18.26
N THR A 78 4.90 8.54 18.08
CA THR A 78 5.15 7.67 19.23
C THR A 78 6.51 7.99 19.90
N PHE A 79 7.51 8.26 19.07
CA PHE A 79 8.80 8.64 19.58
C PHE A 79 8.64 9.93 20.42
N GLY A 80 7.85 10.87 19.93
CA GLY A 80 7.65 12.11 20.65
C GLY A 80 6.87 11.88 21.93
N LEU A 81 5.83 11.05 21.88
CA LEU A 81 5.04 10.78 23.07
C LEU A 81 5.87 10.01 24.09
N GLY A 82 6.77 9.15 23.63
CA GLY A 82 7.59 8.40 24.57
C GLY A 82 7.02 7.03 24.88
N ARG A 83 5.88 6.72 24.27
CA ARG A 83 5.24 5.40 24.42
C ARG A 83 4.10 5.33 23.42
N LYS A 84 3.44 4.20 23.33
CA LYS A 84 2.38 4.06 22.35
C LYS A 84 1.08 4.80 22.72
N TYR A 85 0.35 5.20 21.69
CA TYR A 85 -0.96 5.83 21.82
C TYR A 85 -1.98 4.69 22.06
N ASP A 86 -3.15 5.06 22.55
CA ASP A 86 -4.23 4.11 22.75
C ASP A 86 -5.06 3.97 21.45
N ILE A 87 -4.97 4.96 20.57
CA ILE A 87 -5.72 4.90 19.32
C ILE A 87 -5.24 5.96 18.36
N VAL A 88 -5.33 5.65 17.07
CA VAL A 88 -4.93 6.61 16.02
C VAL A 88 -6.16 6.82 15.14
N LEU A 89 -6.51 8.07 14.93
CA LEU A 89 -7.63 8.44 14.09
C LEU A 89 -7.01 9.20 12.95
N SER A 90 -7.29 8.75 11.74
CA SER A 90 -6.71 9.37 10.58
C SER A 90 -7.78 10.00 9.71
N GLY A 91 -7.58 11.27 9.42
CA GLY A 91 -8.51 11.88 8.54
C GLY A 91 -9.23 13.16 8.78
N ILE A 92 -10.35 13.00 8.10
CA ILE A 92 -11.51 13.71 7.71
C ILE A 92 -10.74 14.04 6.41
N ASN A 93 -10.53 12.99 5.62
CA ASN A 93 -9.86 13.12 4.33
C ASN A 93 -10.88 13.76 3.37
N LEU A 94 -10.40 14.62 2.48
CA LEU A 94 -11.25 15.27 1.47
C LEU A 94 -11.29 14.28 0.30
N GLY A 95 -12.42 13.61 0.11
CA GLY A 95 -12.48 12.62 -0.95
C GLY A 95 -12.65 11.27 -0.26
N ASP A 96 -13.40 10.38 -0.90
CA ASP A 96 -13.68 9.06 -0.32
C ASP A 96 -12.49 8.16 -0.57
N ASN A 97 -12.34 7.14 0.26
CA ASN A 97 -11.24 6.20 0.08
C ASN A 97 -11.74 4.79 -0.12
N THR A 98 -12.82 4.65 -0.89
CA THR A 98 -13.42 3.34 -1.14
C THR A 98 -12.65 2.54 -2.20
N SER A 99 -12.71 1.20 -2.05
CA SER A 99 -12.08 0.18 -2.92
C SER A 99 -10.62 -0.11 -2.53
N LEU A 100 -10.20 -1.35 -2.74
CA LEU A 100 -8.83 -1.79 -2.43
C LEU A 100 -7.86 -0.98 -3.29
N GLN A 101 -8.24 -0.74 -4.55
CA GLN A 101 -7.41 0.03 -5.48
C GLN A 101 -6.94 1.35 -4.84
N VAL A 102 -7.86 2.03 -4.14
CA VAL A 102 -7.56 3.33 -3.54
C VAL A 102 -7.00 3.12 -2.13
N ILE A 103 -7.55 2.15 -1.39
CA ILE A 103 -7.11 1.87 -0.03
C ILE A 103 -5.61 1.56 -0.02
N LEU A 104 -5.16 0.78 -0.99
CA LEU A 104 -3.74 0.49 -1.09
C LEU A 104 -2.87 1.69 -1.52
N SER A 105 -3.47 2.78 -2.01
CA SER A 105 -2.68 3.94 -2.45
C SER A 105 -2.94 5.16 -1.59
N SER A 106 -3.72 4.99 -0.56
CA SER A 106 -4.12 6.11 0.27
C SER A 106 -3.22 6.44 1.44
N GLY A 107 -2.80 7.70 1.55
CA GLY A 107 -1.99 8.07 2.70
C GLY A 107 -2.88 8.06 3.94
N THR A 108 -4.16 8.41 3.82
CA THR A 108 -5.07 8.38 5.00
C THR A 108 -5.05 6.96 5.57
N LEU A 109 -5.22 5.96 4.71
CA LEU A 109 -5.18 4.58 5.18
C LEU A 109 -3.76 4.14 5.55
N GLY A 110 -2.75 4.62 4.81
CA GLY A 110 -1.37 4.28 5.13
C GLY A 110 -1.00 4.62 6.56
N ALA A 111 -1.37 5.81 7.02
CA ALA A 111 -1.08 6.19 8.40
C ALA A 111 -1.71 5.16 9.36
N ALA A 112 -2.97 4.82 9.11
CA ALA A 112 -3.66 3.87 9.97
C ALA A 112 -3.03 2.49 9.91
N PHE A 113 -2.61 2.10 8.71
CA PHE A 113 -1.99 0.80 8.49
C PHE A 113 -0.73 0.62 9.36
N GLN A 114 0.13 1.66 9.37
CA GLN A 114 1.38 1.58 10.15
C GLN A 114 1.04 1.55 11.65
N ALA A 115 0.01 2.28 12.06
CA ALA A 115 -0.42 2.23 13.47
C ALA A 115 -0.82 0.75 13.77
N ALA A 116 -1.63 0.16 12.90
CA ALA A 116 -2.09 -1.23 13.08
C ALA A 116 -0.93 -2.23 13.17
N LEU A 117 0.09 -2.06 12.32
CA LEU A 117 1.20 -3.02 12.36
C LEU A 117 1.90 -2.93 13.71
N LEU A 118 1.82 -1.76 14.34
CA LEU A 118 2.39 -1.59 15.66
C LEU A 118 1.44 -2.12 16.75
N GLY A 119 0.28 -2.64 16.36
CA GLY A 119 -0.63 -3.16 17.37
C GLY A 119 -1.55 -2.12 17.97
N ILE A 120 -1.61 -0.94 17.37
CA ILE A 120 -2.46 0.11 17.88
C ILE A 120 -3.78 0.24 17.11
N PRO A 121 -4.90 0.33 17.86
CA PRO A 121 -6.25 0.46 17.28
C PRO A 121 -6.26 1.68 16.34
N ALA A 122 -6.82 1.51 15.15
CA ALA A 122 -6.81 2.61 14.18
C ALA A 122 -8.08 2.70 13.34
N LEU A 123 -8.49 3.93 13.11
CA LEU A 123 -9.68 4.23 12.30
C LEU A 123 -9.33 5.30 11.31
N ALA A 124 -9.90 5.21 10.11
CA ALA A 124 -9.69 6.20 9.08
C ALA A 124 -11.07 6.74 8.68
N TYR A 125 -11.16 8.05 8.46
CA TYR A 125 -12.41 8.72 8.07
C TYR A 125 -12.17 9.49 6.81
N SER A 126 -13.05 9.30 5.82
CA SER A 126 -12.98 10.01 4.53
C SER A 126 -14.38 10.49 4.16
N ALA A 127 -14.47 11.64 3.50
CA ALA A 127 -15.75 12.20 3.11
C ALA A 127 -15.79 12.41 1.60
N TYR A 128 -16.86 11.92 1.00
CA TYR A 128 -17.08 12.05 -0.44
C TYR A 128 -17.52 13.53 -0.68
N LEU A 129 -16.54 14.43 -0.76
CA LEU A 129 -16.77 15.87 -0.93
C LEU A 129 -15.76 16.43 -1.94
N GLU A 130 -16.11 17.57 -2.53
CA GLU A 130 -15.27 18.25 -3.52
C GLU A 130 -14.41 19.29 -2.81
N ASN A 131 -15.00 19.94 -1.81
CA ASN A 131 -14.30 20.94 -1.04
C ASN A 131 -14.98 21.07 0.33
N TRP A 132 -14.29 21.67 1.26
CA TRP A 132 -14.80 21.77 2.61
C TRP A 132 -15.94 22.75 2.88
N ASN A 133 -16.09 23.74 2.02
CA ASN A 133 -17.09 24.80 2.17
C ASN A 133 -18.52 24.33 2.45
N GLU A 134 -19.02 23.45 1.60
CA GLU A 134 -20.38 22.97 1.77
C GLU A 134 -20.56 22.50 3.21
N LEU A 135 -19.80 21.46 3.53
CA LEU A 135 -19.82 20.87 4.86
C LEU A 135 -19.70 21.85 6.03
N LEU A 136 -18.64 22.64 6.03
CA LEU A 136 -18.40 23.54 7.17
C LEU A 136 -19.55 24.49 7.49
N ASN A 137 -20.32 24.87 6.47
CA ASN A 137 -21.45 25.78 6.67
C ASN A 137 -22.76 25.05 6.96
N ASN A 138 -22.72 23.73 7.01
CA ASN A 138 -23.91 22.93 7.27
C ASN A 138 -23.71 22.33 8.66
N LYS A 139 -24.21 23.04 9.66
CA LYS A 139 -24.04 22.62 11.05
C LYS A 139 -24.57 21.23 11.36
N GLU A 140 -25.70 20.88 10.78
CA GLU A 140 -26.29 19.58 11.05
C GLU A 140 -25.39 18.45 10.48
N ALA A 141 -24.86 18.64 9.29
CA ALA A 141 -23.99 17.63 8.69
C ALA A 141 -22.75 17.47 9.56
N VAL A 142 -22.23 18.59 10.10
CA VAL A 142 -21.05 18.54 10.93
C VAL A 142 -21.34 17.77 12.22
N GLU A 143 -22.52 18.01 12.82
CA GLU A 143 -22.89 17.29 14.03
C GLU A 143 -23.06 15.78 13.76
N ILE A 144 -23.61 15.41 12.62
CA ILE A 144 -23.78 13.99 12.27
C ILE A 144 -22.39 13.32 12.09
N GLY A 146 -19.54 14.26 13.37
CA GLY A 146 -18.91 14.18 14.68
C GLY A 146 -19.52 13.06 15.52
N ALA A 147 -20.83 12.86 15.41
CA ALA A 147 -21.48 11.79 16.15
C ALA A 147 -20.92 10.41 15.70
N VAL A 148 -20.67 10.26 14.41
CA VAL A 148 -20.11 9.00 13.88
C VAL A 148 -18.64 8.78 14.30
N VAL A 149 -17.81 9.80 14.18
CA VAL A 149 -16.42 9.71 14.58
C VAL A 149 -16.41 9.41 16.09
N SER A 150 -17.19 10.16 16.84
CA SER A 150 -17.25 9.99 18.26
C SER A 150 -17.77 8.62 18.68
N SER A 151 -18.79 8.10 17.99
CA SER A 151 -19.30 6.81 18.44
C SER A 151 -18.34 5.65 18.08
N THR A 152 -17.70 5.70 16.90
CA THR A 152 -16.78 4.63 16.47
C THR A 152 -15.53 4.61 17.35
N ALA A 153 -14.93 5.78 17.55
CA ALA A 153 -13.73 5.86 18.40
C ALA A 153 -14.02 5.48 19.87
N SER A 154 -15.08 5.99 20.47
CA SER A 154 -15.30 5.57 21.86
C SER A 154 -15.67 4.08 21.94
N TYR A 155 -16.34 3.56 20.92
CA TYR A 155 -16.70 2.15 20.96
C TYR A 155 -15.41 1.36 21.06
N VAL A 156 -14.43 1.70 20.22
CA VAL A 156 -13.15 0.99 20.22
C VAL A 156 -12.39 1.22 21.52
N LEU A 157 -12.36 2.47 21.99
CA LEU A 157 -11.67 2.77 23.24
C LEU A 157 -12.29 2.00 24.39
N LYS A 158 -13.61 1.84 24.38
CA LYS A 158 -14.26 1.14 25.48
C LYS A 158 -14.27 -0.39 25.39
N ASN A 159 -14.38 -0.91 24.19
CA ASN A 159 -14.51 -2.36 23.95
C ASN A 159 -13.30 -3.05 23.31
N GLY A 160 -12.39 -2.25 22.78
CA GLY A 160 -11.25 -2.79 22.08
C GLY A 160 -11.56 -2.98 20.61
N PRO A 162 -12.19 -4.91 17.38
CA PRO A 162 -12.73 -6.27 17.19
C PRO A 162 -11.58 -7.22 16.75
N GLN A 163 -11.54 -8.41 17.33
CA GLN A 163 -10.51 -9.37 16.97
C GLN A 163 -10.44 -9.60 15.45
N GLY A 164 -9.22 -9.65 14.90
CA GLY A 164 -9.11 -9.91 13.47
C GLY A 164 -9.22 -8.68 12.57
N VAL A 165 -9.52 -7.52 13.16
CA VAL A 165 -9.63 -6.29 12.39
C VAL A 165 -8.46 -5.35 12.73
N ASP A 166 -7.75 -4.87 11.72
CA ASP A 166 -6.63 -3.98 11.96
C ASP A 166 -7.00 -2.50 11.81
N VAL A 167 -7.87 -2.21 10.85
CA VAL A 167 -8.29 -0.82 10.62
C VAL A 167 -9.77 -0.77 10.29
N ILE A 168 -10.48 0.22 10.83
CA ILE A 168 -11.89 0.39 10.47
C ILE A 168 -11.90 1.67 9.64
N SER A 169 -12.32 1.54 8.38
CA SER A 169 -12.36 2.70 7.47
C SER A 169 -13.81 3.16 7.33
N VAL A 170 -14.03 4.44 7.61
CA VAL A 170 -15.36 5.03 7.55
C VAL A 170 -15.43 6.01 6.38
N ASN A 171 -16.41 5.83 5.49
CA ASN A 171 -16.59 6.75 4.37
C ASN A 171 -17.96 7.43 4.43
N PHE A 172 -17.95 8.75 4.51
CA PHE A 172 -19.19 9.53 4.52
C PHE A 172 -19.65 9.87 3.10
N PRO A 173 -20.97 9.79 2.88
CA PRO A 173 -21.54 10.09 1.56
C PRO A 173 -21.58 11.62 1.33
N ARG A 174 -21.93 12.04 0.12
CA ARG A 174 -21.98 13.46 -0.18
C ARG A 174 -22.99 14.26 0.67
N ARG A 175 -24.16 13.70 0.94
CA ARG A 175 -25.14 14.43 1.74
C ARG A 175 -25.32 13.78 3.09
N LEU A 176 -25.12 14.56 4.14
CA LEU A 176 -25.30 14.05 5.48
C LEU A 176 -26.54 14.66 6.11
N GLY A 177 -27.67 13.98 5.96
CA GLY A 177 -28.91 14.45 6.52
C GLY A 177 -29.41 13.51 7.61
N ARG A 178 -30.38 14.00 8.38
CA ARG A 178 -30.94 13.25 9.49
C ARG A 178 -31.33 11.78 9.25
N GLY A 179 -31.63 11.40 8.00
CA GLY A 179 -31.98 10.01 7.73
C GLY A 179 -30.78 9.14 7.31
N VAL A 180 -29.59 9.72 7.19
CA VAL A 180 -28.43 8.91 6.80
C VAL A 180 -28.03 7.90 7.91
N ARG A 181 -27.76 6.66 7.53
CA ARG A 181 -27.31 5.63 8.49
C ARG A 181 -26.06 4.89 7.97
N ALA A 182 -25.43 4.17 8.88
CA ALA A 182 -24.20 3.42 8.59
C ALA A 182 -24.50 1.96 8.29
N LYS A 183 -23.63 1.37 7.48
CA LYS A 183 -23.76 -0.03 7.08
C LYS A 183 -22.37 -0.69 7.08
N LEU A 184 -22.26 -1.86 7.69
CA LEU A 184 -21.02 -2.63 7.69
C LEU A 184 -20.90 -3.21 6.28
N VAL A 185 -19.81 -2.94 5.58
CA VAL A 185 -19.71 -3.43 4.19
C VAL A 185 -18.27 -3.57 3.73
N LYS A 186 -18.04 -4.56 2.86
CA LYS A 186 -16.68 -4.79 2.39
C LYS A 186 -16.22 -3.79 1.32
N ALA A 187 -14.93 -3.77 1.04
CA ALA A 187 -14.41 -2.88 0.03
C ALA A 187 -14.48 -3.55 -1.35
N ALA A 188 -14.92 -2.83 -2.36
CA ALA A 188 -14.92 -3.37 -3.75
C ALA A 188 -13.42 -3.46 -4.17
N LYS A 189 -13.13 -4.15 -5.27
CA LYS A 189 -11.73 -4.21 -5.69
C LYS A 189 -11.29 -2.91 -6.30
N LEU A 190 -12.13 -2.36 -7.14
CA LEU A 190 -11.80 -1.18 -7.92
C LEU A 190 -12.79 -0.05 -7.78
N ARG A 191 -12.28 1.18 -7.82
CA ARG A 191 -13.06 2.39 -7.76
C ARG A 191 -13.11 3.01 -9.18
N TYR A 192 -11.96 3.04 -9.83
CA TYR A 192 -11.84 3.69 -11.12
C TYR A 192 -11.62 2.72 -12.25
N ALA A 193 -12.28 2.97 -13.39
CA ALA A 193 -12.11 2.14 -14.58
C ALA A 193 -10.68 2.29 -15.08
N GLN A 194 -10.23 1.34 -15.87
CA GLN A 194 -8.87 1.41 -16.40
C GLN A 194 -8.72 2.46 -17.49
N GLN A 195 -9.83 2.90 -18.07
CA GLN A 195 -9.82 3.87 -19.15
C GLN A 195 -8.82 5.04 -18.99
N VAL A 196 -8.04 5.28 -20.05
CA VAL A 196 -7.05 6.36 -20.07
C VAL A 196 -7.45 7.36 -21.14
N VAL A 197 -7.42 8.66 -20.84
CA VAL A 197 -7.78 9.69 -21.81
C VAL A 197 -6.50 10.33 -22.35
N GLU A 198 -6.31 10.29 -23.66
CA GLU A 198 -5.10 10.87 -24.26
C GLU A 198 -5.38 12.26 -24.87
N ARG A 199 -4.47 13.19 -24.61
CA ARG A 199 -4.57 14.54 -25.14
C ARG A 199 -3.22 15.00 -25.64
N VAL A 200 -3.20 16.14 -26.32
CA VAL A 200 -1.97 16.66 -26.88
C VAL A 200 -1.81 18.03 -26.30
N ASP A 201 -0.66 18.31 -25.70
CA ASP A 201 -0.49 19.63 -25.11
C ASP A 201 -0.27 20.68 -26.23
N PRO A 202 -0.26 21.97 -25.92
CA PRO A 202 -0.06 23.01 -26.95
C PRO A 202 1.23 22.87 -27.77
N ARG A 203 2.23 22.18 -27.23
CA ARG A 203 3.48 21.98 -27.97
C ARG A 203 3.45 20.69 -28.78
N GLY A 204 2.31 20.01 -28.79
CA GLY A 204 2.21 18.80 -29.58
C GLY A 204 2.64 17.50 -28.90
N VAL A 205 2.95 17.56 -27.61
CA VAL A 205 3.36 16.35 -26.88
C VAL A 205 2.17 15.73 -26.13
N ARG A 206 2.00 14.43 -26.28
CA ARG A 206 0.88 13.73 -25.62
C ARG A 206 0.95 13.76 -24.10
N TYR A 207 -0.22 13.76 -23.45
CA TYR A 207 -0.21 13.63 -22.00
C TYR A 207 -1.43 12.74 -21.75
N TYR A 208 -1.52 12.15 -20.57
CA TYR A 208 -2.59 11.19 -20.27
C TYR A 208 -3.31 11.36 -18.93
N TRP A 209 -4.62 11.45 -18.96
CA TRP A 209 -5.41 11.50 -17.72
C TRP A 209 -5.84 10.06 -17.38
N LEU A 210 -5.49 9.61 -16.18
CA LEU A 210 -5.89 8.25 -15.73
C LEU A 210 -7.03 8.38 -14.71
N TYR A 211 -7.75 7.28 -14.50
CA TYR A 211 -8.82 7.26 -13.51
C TYR A 211 -9.89 8.33 -13.69
N GLY A 212 -10.13 8.74 -14.93
CA GLY A 212 -11.13 9.75 -15.17
C GLY A 212 -12.58 9.23 -15.13
N ARG A 213 -12.75 7.92 -15.23
CA ARG A 213 -14.06 7.31 -15.22
C ARG A 213 -14.28 6.42 -13.99
N ASP A 214 -15.40 6.63 -13.29
CA ASP A 214 -15.77 5.82 -12.11
C ASP A 214 -16.31 4.50 -12.56
N LEU A 215 -15.93 3.41 -11.91
CA LEU A 215 -16.55 2.14 -12.28
C LEU A 215 -17.96 2.09 -11.64
N ALA A 216 -18.99 1.64 -12.35
CA ALA A 216 -20.29 1.51 -11.67
C ALA A 216 -20.06 0.37 -10.63
N PRO A 217 -20.36 0.62 -9.35
CA PRO A 217 -20.17 -0.38 -8.29
C PRO A 217 -21.21 -1.51 -8.19
N GLU A 218 -20.82 -2.60 -7.57
CA GLU A 218 -21.74 -3.71 -7.30
C GLU A 218 -22.33 -3.48 -5.91
N PRO A 219 -23.56 -3.98 -5.65
CA PRO A 219 -24.26 -3.86 -4.37
C PRO A 219 -23.41 -4.52 -3.30
N GLU A 220 -23.60 -4.10 -2.05
CA GLU A 220 -22.84 -4.69 -0.96
C GLU A 220 -21.33 -4.40 -0.97
N THR A 221 -20.95 -3.27 -1.55
CA THR A 221 -19.56 -2.85 -1.50
C THR A 221 -19.56 -1.40 -0.98
N ASP A 222 -18.43 -1.00 -0.42
CA ASP A 222 -18.29 0.36 0.10
C ASP A 222 -18.63 1.42 -0.92
N VAL A 223 -18.15 1.24 -2.15
CA VAL A 223 -18.41 2.21 -3.20
C VAL A 223 -19.91 2.38 -3.45
N TYR A 224 -20.62 1.26 -3.53
CA TYR A 224 -22.06 1.26 -3.78
C TYR A 224 -22.82 1.97 -2.63
N VAL A 225 -22.43 1.67 -1.39
CA VAL A 225 -23.14 2.24 -0.24
C VAL A 225 -22.96 3.74 -0.24
N VAL A 226 -21.76 4.20 -0.53
CA VAL A 226 -21.49 5.63 -0.52
C VAL A 226 -22.02 6.39 -1.73
N LEU A 227 -21.73 5.89 -2.93
CA LEU A 227 -22.15 6.57 -4.14
C LEU A 227 -23.60 6.39 -4.56
N LYS A 228 -24.12 5.17 -4.42
CA LYS A 228 -25.47 4.89 -4.84
C LYS A 228 -26.50 4.99 -3.73
N GLU A 229 -26.24 4.42 -2.57
CA GLU A 229 -27.20 4.46 -1.47
C GLU A 229 -27.13 5.75 -0.66
N GLY A 230 -26.03 6.49 -0.75
CA GLY A 230 -25.93 7.70 0.04
C GLY A 230 -25.78 7.33 1.53
N GLY A 231 -25.22 6.14 1.81
CA GLY A 231 -25.04 5.71 3.20
C GLY A 231 -23.62 5.91 3.70
N ILE A 232 -23.40 5.70 4.99
CA ILE A 232 -22.06 5.79 5.58
C ILE A 232 -21.52 4.36 5.57
N ALA A 233 -20.43 4.14 4.86
CA ALA A 233 -19.88 2.80 4.82
C ALA A 233 -18.84 2.61 5.92
N ILE A 234 -18.93 1.48 6.62
CA ILE A 234 -18.01 1.11 7.68
C ILE A 234 -17.36 -0.19 7.15
N THR A 235 -16.06 -0.13 6.90
CA THR A 235 -15.34 -1.29 6.35
C THR A 235 -14.18 -1.72 7.23
N PRO A 236 -14.25 -2.97 7.77
CA PRO A 236 -13.22 -3.53 8.64
C PRO A 236 -12.15 -4.14 7.71
N LEU A 237 -10.90 -3.73 7.93
CA LEU A 237 -9.78 -4.22 7.11
C LEU A 237 -8.77 -4.98 7.93
N THR A 238 -8.17 -6.02 7.32
CA THR A 238 -7.10 -6.77 7.95
C THR A 238 -5.84 -6.53 7.08
N LEU A 239 -4.70 -6.46 7.72
CA LEU A 239 -3.47 -6.28 6.96
C LEU A 239 -2.75 -7.63 6.80
N ASN A 240 -3.44 -8.72 7.10
CA ASN A 240 -2.76 -9.99 6.96
C ASN A 240 -2.77 -10.36 5.46
N LEU A 241 -1.74 -9.92 4.75
CA LEU A 241 -1.66 -10.21 3.33
C LEU A 241 -1.18 -11.62 3.02
N ASN A 242 -0.84 -12.39 4.05
CA ASN A 242 -0.38 -13.74 3.85
C ASN A 242 -1.49 -14.67 3.36
N ALA A 243 -1.33 -15.20 2.16
CA ALA A 243 -2.34 -16.07 1.60
C ALA A 243 -2.35 -17.40 2.33
N VAL A 244 -1.21 -17.78 2.86
CA VAL A 244 -1.06 -19.03 3.60
C VAL A 244 -2.22 -19.14 4.61
N ASP A 245 -2.31 -18.14 5.49
CA ASP A 245 -3.35 -18.06 6.52
C ASP A 245 -4.74 -17.90 5.89
N ALA A 246 -5.50 -18.99 5.79
CA ALA A 246 -6.84 -18.98 5.19
C ALA A 246 -8.02 -18.91 6.16
N HIS A 247 -7.92 -19.55 7.32
CA HIS A 247 -8.98 -19.52 8.34
C HIS A 247 -8.59 -18.46 9.39
N ARG A 248 -9.23 -17.30 9.31
CA ARG A 248 -8.90 -16.20 10.20
C ARG A 248 -10.10 -15.72 11.06
N GLU A 249 -9.90 -15.67 12.36
CA GLU A 249 -10.96 -15.27 13.28
C GLU A 249 -11.27 -13.79 13.34
N VAL A 250 -12.54 -13.47 13.12
CA VAL A 250 -13.00 -12.08 13.19
C VAL A 250 -14.17 -11.95 14.15
N ASP A 251 -14.12 -10.98 15.05
CA ASP A 251 -15.25 -10.79 15.96
C ASP A 251 -16.32 -9.99 15.20
N ASP A 253 -19.62 -10.16 15.64
CA ASP A 253 -20.70 -9.63 16.49
C ASP A 253 -20.30 -8.25 17.04
N SER A 254 -19.04 -8.10 17.41
CA SER A 254 -18.53 -6.83 17.91
C SER A 254 -18.60 -5.76 16.79
N LEU A 255 -18.27 -6.13 15.55
CA LEU A 255 -18.38 -5.14 14.47
C LEU A 255 -19.86 -4.71 14.35
N ASN A 256 -20.77 -5.69 14.44
CA ASN A 256 -22.21 -5.41 14.34
C ASN A 256 -22.67 -4.52 15.50
N ARG A 257 -22.19 -4.79 16.71
CA ARG A 257 -22.56 -3.96 17.83
C ARG A 257 -22.07 -2.55 17.61
N VAL A 259 -21.59 -0.98 14.71
CA VAL A 259 -22.43 -0.29 13.74
C VAL A 259 -23.80 0.06 14.33
N GLU A 260 -24.35 -0.85 15.14
CA GLU A 260 -25.64 -0.62 15.77
C GLU A 260 -25.54 0.61 16.71
N TYR A 261 -24.40 0.74 17.37
CA TYR A 261 -24.15 1.83 18.28
C TYR A 261 -24.11 3.18 17.50
N ILE A 262 -23.48 3.17 16.33
CA ILE A 262 -23.43 4.38 15.51
C ILE A 262 -24.85 4.73 15.09
N ASN A 263 -25.62 3.72 14.72
CA ASN A 263 -26.97 3.99 14.24
C ASN A 263 -27.94 4.39 15.35
N ALA A 264 -27.73 3.88 16.54
CA ALA A 264 -28.55 4.26 17.70
C ALA A 264 -28.22 5.73 18.01
N SER A 265 -26.92 6.10 17.93
CA SER A 265 -26.51 7.49 18.18
C SER A 265 -27.08 8.42 17.12
N LEU A 266 -27.06 7.98 15.87
CA LEU A 266 -27.60 8.80 14.81
C LEU A 266 -29.12 9.00 14.99
N SER A 267 -29.79 7.96 15.48
CA SER A 267 -31.25 8.06 15.70
C SER A 267 -31.53 9.04 16.84
N LYS A 268 -30.82 8.92 17.95
CA LYS A 268 -31.01 9.86 19.05
C LYS A 268 -30.72 11.29 18.58
N LEU A 269 -29.67 11.45 17.78
CA LEU A 269 -29.31 12.78 17.27
C LEU A 269 -30.41 13.38 16.38
N ALA A 270 -30.92 12.60 15.42
CA ALA A 270 -31.98 13.12 14.54
C ALA A 270 -33.18 13.58 15.40
N ALA A 271 -33.51 12.81 16.43
CA ALA A 271 -34.62 13.16 17.30
C ALA A 271 -34.35 14.47 18.03
N ALA A 272 -33.13 14.63 18.52
CA ALA A 272 -32.75 15.83 19.25
C ALA A 272 -32.75 17.05 18.33
N LEU A 273 -32.17 16.89 17.14
CA LEU A 273 -32.09 17.97 16.16
C LEU A 273 -33.47 18.52 15.78
N GLU A 274 -34.51 17.72 15.97
CA GLU A 274 -35.85 18.21 15.65
C GLU A 274 -36.34 19.01 16.86
N HIS A 275 -35.41 19.69 17.50
CA HIS A 275 -35.66 20.50 18.69
C HIS A 275 -36.40 19.70 19.75
N HIS A 276 -36.59 18.41 19.47
CA HIS A 276 -37.27 17.47 20.36
C HIS A 276 -37.95 18.18 21.54
N LYS B 2 2.06 -12.00 -23.92
CA LYS B 2 2.54 -10.60 -23.84
C LYS B 2 2.93 -10.38 -22.36
N ILE B 3 4.18 -9.97 -22.15
CA ILE B 3 4.69 -9.78 -20.80
C ILE B 3 5.09 -8.35 -20.51
N LEU B 4 4.61 -7.82 -19.37
CA LEU B 4 4.99 -6.46 -18.99
C LEU B 4 6.09 -6.58 -17.91
N VAL B 5 7.21 -5.88 -18.14
CA VAL B 5 8.30 -5.87 -17.20
C VAL B 5 8.42 -4.46 -16.69
N THR B 6 8.39 -4.28 -15.36
CA THR B 6 8.45 -2.93 -14.80
C THR B 6 9.24 -2.98 -13.48
N ASN B 7 9.29 -1.87 -12.74
CA ASN B 7 10.01 -1.84 -11.48
C ASN B 7 9.75 -0.49 -10.85
N ASP B 8 10.43 -0.22 -9.73
CA ASP B 8 10.22 1.07 -9.11
C ASP B 8 11.52 1.81 -8.78
N ASP B 9 12.65 1.28 -9.23
CA ASP B 9 13.96 1.93 -8.98
C ASP B 9 14.37 2.85 -10.12
N GLY B 10 13.52 2.95 -11.15
CA GLY B 10 13.88 3.80 -12.25
C GLY B 10 14.05 2.94 -13.48
N VAL B 11 13.70 3.51 -14.62
CA VAL B 11 13.77 2.82 -15.88
C VAL B 11 15.23 2.46 -16.25
N HIS B 12 16.18 3.19 -15.68
CA HIS B 12 17.59 2.96 -15.92
C HIS B 12 18.22 1.92 -14.98
N SER B 13 17.43 1.40 -14.05
CA SER B 13 18.02 0.45 -13.12
C SER B 13 18.59 -0.81 -13.77
N PRO B 14 19.81 -1.22 -13.37
CA PRO B 14 20.38 -2.44 -13.97
C PRO B 14 19.45 -3.61 -13.63
N GLY B 15 18.70 -3.51 -12.52
CA GLY B 15 17.82 -4.63 -12.16
C GLY B 15 16.66 -4.82 -13.14
N LEU B 16 16.23 -3.73 -13.76
CA LEU B 16 15.13 -3.80 -14.72
C LEU B 16 15.64 -4.46 -16.01
N ARG B 17 16.86 -4.11 -16.41
CA ARG B 17 17.45 -4.70 -17.62
C ARG B 17 17.56 -6.22 -17.48
N LEU B 18 17.97 -6.67 -16.29
CA LEU B 18 18.12 -8.10 -16.05
C LEU B 18 16.78 -8.78 -16.16
N LEU B 19 15.78 -8.20 -15.51
CA LEU B 19 14.44 -8.82 -15.55
C LEU B 19 13.99 -8.93 -17.01
N TYR B 20 14.21 -7.88 -17.81
CA TYR B 20 13.83 -7.93 -19.21
C TYR B 20 14.52 -9.10 -19.93
N GLN B 21 15.81 -9.22 -19.71
CA GLN B 21 16.56 -10.30 -20.34
C GLN B 21 16.04 -11.67 -19.90
N PHE B 22 15.71 -11.82 -18.62
CA PHE B 22 15.20 -13.09 -18.12
C PHE B 22 13.82 -13.41 -18.72
N ALA B 23 13.05 -12.38 -19.03
CA ALA B 23 11.71 -12.60 -19.55
C ALA B 23 11.69 -12.88 -21.05
N LEU B 24 12.77 -12.53 -21.75
CA LEU B 24 12.78 -12.74 -23.20
C LEU B 24 12.44 -14.16 -23.65
N SER B 25 12.75 -15.15 -22.82
CA SER B 25 12.46 -16.53 -23.16
C SER B 25 10.99 -16.92 -22.96
N LEU B 26 10.19 -16.03 -22.37
CA LEU B 26 8.80 -16.37 -22.11
C LEU B 26 7.75 -15.93 -23.10
N GLY B 27 8.01 -14.85 -23.84
CA GLY B 27 7.04 -14.33 -24.78
C GLY B 27 7.51 -12.98 -25.28
N ASP B 28 6.57 -12.17 -25.76
CA ASP B 28 6.86 -10.82 -26.26
C ASP B 28 6.91 -9.89 -25.04
N VAL B 29 8.06 -9.30 -24.80
CA VAL B 29 8.23 -8.45 -23.65
C VAL B 29 8.22 -6.95 -23.88
N ASP B 30 7.42 -6.21 -23.10
CA ASP B 30 7.44 -4.75 -23.18
C ASP B 30 7.96 -4.26 -21.84
N VAL B 31 8.74 -3.19 -21.88
CA VAL B 31 9.24 -2.60 -20.66
C VAL B 31 8.62 -1.22 -20.47
N VAL B 32 7.93 -1.04 -19.36
CA VAL B 32 7.33 0.28 -19.06
C VAL B 32 7.62 0.51 -17.59
N ALA B 33 8.19 1.67 -17.25
CA ALA B 33 8.48 1.95 -15.84
C ALA B 33 8.63 3.44 -15.59
N PRO B 34 8.49 3.88 -14.34
CA PRO B 34 8.65 5.30 -14.01
C PRO B 34 10.06 5.75 -14.38
N GLU B 35 10.20 7.02 -14.77
CA GLU B 35 11.49 7.55 -15.15
C GLU B 35 12.42 7.68 -13.95
N SER B 36 11.88 8.05 -12.80
CA SER B 36 12.72 8.25 -11.64
C SER B 36 12.54 7.20 -10.57
N PRO B 37 13.47 7.16 -9.59
CA PRO B 37 13.40 6.18 -8.48
C PRO B 37 12.21 6.54 -7.58
N LYS B 38 11.61 5.53 -6.97
CA LYS B 38 10.44 5.76 -6.12
C LYS B 38 10.71 6.76 -4.98
N SER B 39 11.98 7.08 -4.74
CA SER B 39 12.31 8.04 -3.70
C SER B 39 11.98 9.43 -4.25
N ALA B 40 11.55 9.48 -5.51
CA ALA B 40 11.18 10.74 -6.18
C ALA B 40 9.66 10.76 -6.42
N THR B 41 9.13 9.65 -6.91
CA THR B 41 7.70 9.54 -7.15
C THR B 41 7.13 8.84 -5.91
N GLY B 42 5.98 9.30 -5.43
CA GLY B 42 5.40 8.65 -4.27
C GLY B 42 4.89 7.27 -4.67
N LEU B 43 3.98 6.73 -3.87
CA LEU B 43 3.38 5.43 -4.14
C LEU B 43 1.90 5.71 -4.43
N GLY B 44 1.18 4.78 -5.01
CA GLY B 44 -0.22 5.05 -5.27
C GLY B 44 -0.62 5.77 -6.54
N ILE B 45 -1.86 5.52 -6.93
CA ILE B 45 -2.54 6.06 -8.10
C ILE B 45 -2.41 7.59 -8.22
N THR B 46 -2.07 8.11 -9.41
CA THR B 46 -1.93 9.57 -9.61
C THR B 46 -3.25 10.19 -10.09
N LEU B 47 -3.98 10.84 -9.18
CA LEU B 47 -5.25 11.49 -9.55
C LEU B 47 -5.15 13.00 -9.81
N HIS B 48 -4.19 13.66 -9.21
CA HIS B 48 -4.04 15.09 -9.34
C HIS B 48 -3.49 15.66 -10.65
N LYS B 49 -2.71 14.89 -11.40
CA LYS B 49 -2.14 15.42 -12.63
C LYS B 49 -2.07 14.37 -13.72
N PRO B 50 -1.89 14.78 -14.99
CA PRO B 50 -1.79 13.82 -16.10
C PRO B 50 -0.35 13.29 -16.17
N LEU B 51 -0.15 12.21 -16.91
CA LEU B 51 1.18 11.63 -17.03
C LEU B 51 1.78 11.76 -18.43
N ARG B 52 3.09 11.54 -18.55
CA ARG B 52 3.75 11.60 -19.82
C ARG B 52 4.42 10.25 -19.97
N TYR B 54 7.45 8.27 -22.47
CA TYR B 54 8.41 8.47 -23.55
C TYR B 54 9.40 7.31 -23.69
N GLU B 55 9.94 7.13 -24.90
CA GLU B 55 10.89 6.08 -25.17
C GLU B 55 12.28 6.41 -24.68
N VAL B 56 12.94 5.40 -24.15
CA VAL B 56 14.29 5.55 -23.68
C VAL B 56 15.04 4.37 -24.28
N ASP B 57 16.33 4.59 -24.51
CA ASP B 57 17.15 3.55 -25.08
C ASP B 57 18.07 3.03 -23.98
N LEU B 58 17.79 1.83 -23.48
CA LEU B 58 18.62 1.24 -22.44
C LEU B 58 19.77 0.50 -23.11
N CYS B 59 20.16 1.00 -24.28
CA CYS B 59 21.24 0.44 -25.09
C CYS B 59 21.15 -1.06 -25.24
N GLY B 60 20.58 -1.48 -26.35
CA GLY B 60 20.42 -2.89 -26.60
C GLY B 60 18.94 -3.11 -26.74
N PHE B 61 18.16 -2.27 -26.07
CA PHE B 61 16.73 -2.38 -26.15
C PHE B 61 16.05 -1.10 -25.68
N ARG B 62 14.81 -0.95 -26.12
CA ARG B 62 14.00 0.22 -25.83
C ARG B 62 13.01 -0.04 -24.71
N ALA B 63 12.63 1.03 -24.02
CA ALA B 63 11.67 0.95 -22.95
C ALA B 63 10.89 2.23 -22.96
N ILE B 64 9.78 2.23 -22.25
CA ILE B 64 8.97 3.41 -22.10
C ILE B 64 9.09 3.87 -20.65
N ALA B 65 9.42 5.15 -20.48
CA ALA B 65 9.56 5.75 -19.16
C ALA B 65 8.33 6.59 -18.94
N THR B 66 7.80 6.63 -17.73
CA THR B 66 6.59 7.42 -17.46
C THR B 66 6.93 8.46 -16.38
N SER B 67 6.03 9.41 -16.19
CA SER B 67 6.23 10.42 -15.18
C SER B 67 5.36 10.05 -13.99
N GLY B 68 4.83 8.83 -13.97
CA GLY B 68 3.95 8.46 -12.87
C GLY B 68 4.60 7.63 -11.75
N THR B 69 3.76 7.01 -10.91
CA THR B 69 4.26 6.15 -9.83
C THR B 69 4.22 4.71 -10.34
N PRO B 70 4.78 3.76 -9.59
CA PRO B 70 4.73 2.37 -10.05
C PRO B 70 3.27 1.84 -10.07
N SER B 71 2.35 2.41 -9.29
CA SER B 71 0.95 1.96 -9.33
C SER B 71 0.25 2.32 -10.67
N ASP B 72 0.69 3.44 -11.28
CA ASP B 72 0.12 3.94 -12.54
C ASP B 72 0.55 3.10 -13.73
N THR B 73 1.71 2.46 -13.60
CA THR B 73 2.28 1.70 -14.69
C THR B 73 1.38 0.76 -15.49
N VAL B 74 0.69 -0.16 -14.80
CA VAL B 74 -0.16 -1.11 -15.50
C VAL B 74 -1.25 -0.44 -16.34
N TYR B 75 -1.84 0.63 -15.82
CA TYR B 75 -2.87 1.35 -16.53
C TYR B 75 -2.29 2.02 -17.80
N LEU B 76 -1.12 2.64 -17.69
CA LEU B 76 -0.51 3.30 -18.83
C LEU B 76 -0.09 2.24 -19.83
N ALA B 77 0.52 1.17 -19.32
CA ALA B 77 1.00 0.08 -20.15
C ALA B 77 -0.13 -0.56 -20.91
N THR B 78 -1.23 -0.82 -20.23
CA THR B 78 -2.38 -1.45 -20.85
C THR B 78 -2.93 -0.54 -21.94
N PHE B 79 -2.97 0.74 -21.66
CA PHE B 79 -3.44 1.69 -22.64
C PHE B 79 -2.49 1.68 -23.87
N GLY B 80 -1.19 1.74 -23.60
CA GLY B 80 -0.21 1.75 -24.68
C GLY B 80 -0.33 0.50 -25.53
N LEU B 81 -0.64 -0.62 -24.89
CA LEU B 81 -0.74 -1.89 -25.59
C LEU B 81 -2.04 -2.07 -26.37
N GLY B 82 -3.10 -1.51 -25.83
CA GLY B 82 -4.40 -1.68 -26.47
C GLY B 82 -5.16 -2.79 -25.79
N ARG B 83 -4.51 -3.51 -24.88
CA ARG B 83 -5.19 -4.60 -24.17
C ARG B 83 -4.38 -4.96 -22.91
N LYS B 84 -4.93 -5.86 -22.10
CA LYS B 84 -4.24 -6.29 -20.87
C LYS B 84 -3.16 -7.34 -21.15
N TYR B 85 -2.06 -7.26 -20.40
CA TYR B 85 -0.94 -8.19 -20.49
C TYR B 85 -1.30 -9.55 -19.88
N ASP B 86 -0.59 -10.59 -20.27
CA ASP B 86 -0.84 -11.91 -19.71
C ASP B 86 -0.17 -12.07 -18.35
N ILE B 87 0.87 -11.29 -18.09
CA ILE B 87 1.53 -11.35 -16.79
C ILE B 87 2.35 -10.07 -16.61
N VAL B 88 2.44 -9.63 -15.36
CA VAL B 88 3.24 -8.45 -15.03
C VAL B 88 4.37 -8.95 -14.07
N LEU B 89 5.61 -8.63 -14.43
CA LEU B 89 6.77 -9.02 -13.63
C LEU B 89 7.32 -7.69 -13.15
N SER B 90 7.49 -7.56 -11.86
CA SER B 90 7.97 -6.30 -11.34
C SER B 90 9.29 -6.48 -10.68
N GLY B 91 10.20 -5.65 -11.13
CA GLY B 91 11.47 -5.69 -10.51
C GLY B 91 12.76 -5.87 -11.24
N ILE B 92 13.43 -6.44 -10.25
CA ILE B 92 14.65 -6.98 -9.73
C ILE B 92 14.96 -5.69 -9.00
N ASN B 93 14.26 -5.55 -7.88
CA ASN B 93 14.43 -4.41 -7.01
C ASN B 93 15.79 -4.50 -6.31
N LEU B 94 16.45 -3.36 -6.17
CA LEU B 94 17.74 -3.30 -5.47
C LEU B 94 17.37 -3.17 -3.98
N GLY B 95 17.42 -4.29 -3.29
CA GLY B 95 17.05 -4.28 -1.89
C GLY B 95 15.91 -5.28 -1.71
N ASP B 96 15.88 -5.93 -0.56
CA ASP B 96 14.82 -6.92 -0.32
C ASP B 96 13.50 -6.21 0.05
N ASN B 97 12.37 -6.87 -0.21
CA ASN B 97 11.08 -6.30 0.15
C ASN B 97 10.39 -7.21 1.16
N THR B 98 11.12 -7.72 2.14
CA THR B 98 10.49 -8.63 3.10
C THR B 98 9.73 -7.92 4.23
N SER B 99 8.70 -8.60 4.73
CA SER B 99 7.80 -8.17 5.80
C SER B 99 6.67 -7.29 5.28
N LEU B 100 5.51 -7.39 5.94
CA LEU B 100 4.33 -6.62 5.54
C LEU B 100 4.57 -5.12 5.68
N GLN B 101 5.35 -4.74 6.68
CA GLN B 101 5.65 -3.33 6.91
C GLN B 101 6.27 -2.68 5.64
N VAL B 102 7.22 -3.39 5.02
CA VAL B 102 7.89 -2.94 3.79
C VAL B 102 7.00 -3.17 2.53
N ILE B 103 6.34 -4.33 2.46
CA ILE B 103 5.49 -4.70 1.32
C ILE B 103 4.44 -3.60 1.09
N LEU B 104 3.85 -3.15 2.20
CA LEU B 104 2.84 -2.12 2.14
C LEU B 104 3.39 -0.74 1.73
N SER B 105 4.69 -0.57 1.66
CA SER B 105 5.12 0.75 1.22
C SER B 105 6.12 0.63 0.09
N SER B 106 6.05 -0.49 -0.61
CA SER B 106 6.97 -0.79 -1.68
C SER B 106 6.40 -0.48 -3.07
N GLY B 107 7.10 0.32 -3.87
CA GLY B 107 6.65 0.57 -5.23
C GLY B 107 6.76 -0.71 -6.09
N THR B 108 7.72 -1.57 -5.78
CA THR B 108 7.90 -2.83 -6.53
C THR B 108 6.60 -3.68 -6.44
N LEU B 109 6.09 -3.84 -5.22
CA LEU B 109 4.88 -4.59 -4.93
C LEU B 109 3.65 -3.76 -5.38
N GLY B 110 3.72 -2.43 -5.23
CA GLY B 110 2.62 -1.57 -5.67
C GLY B 110 2.22 -1.80 -7.12
N ALA B 111 3.20 -1.95 -8.00
CA ALA B 111 2.93 -2.18 -9.41
C ALA B 111 2.25 -3.54 -9.58
N ALA B 112 2.70 -4.58 -8.86
CA ALA B 112 2.07 -5.90 -8.97
C ALA B 112 0.66 -5.86 -8.34
N PHE B 113 0.47 -5.07 -7.27
CA PHE B 113 -0.87 -5.01 -6.66
C PHE B 113 -1.92 -4.46 -7.62
N GLN B 114 -1.63 -3.34 -8.30
CA GLN B 114 -2.63 -2.83 -9.22
C GLN B 114 -2.88 -3.83 -10.36
N ALA B 115 -1.83 -4.48 -10.87
CA ALA B 115 -2.01 -5.46 -11.94
C ALA B 115 -2.97 -6.56 -11.42
N ALA B 116 -2.70 -7.08 -10.23
CA ALA B 116 -3.53 -8.14 -9.65
C ALA B 116 -4.99 -7.69 -9.49
N LEU B 117 -5.20 -6.43 -9.12
CA LEU B 117 -6.57 -5.94 -8.93
C LEU B 117 -7.30 -5.87 -10.28
N LEU B 118 -6.53 -5.81 -11.37
CA LEU B 118 -7.08 -5.80 -12.73
C LEU B 118 -7.25 -7.22 -13.25
N GLY B 119 -7.03 -8.21 -12.38
CA GLY B 119 -7.15 -9.59 -12.81
C GLY B 119 -5.92 -10.13 -13.53
N ILE B 120 -4.79 -9.42 -13.52
CA ILE B 120 -3.60 -9.91 -14.21
C ILE B 120 -2.59 -10.58 -13.27
N PRO B 121 -2.11 -11.78 -13.65
CA PRO B 121 -1.12 -12.55 -12.88
C PRO B 121 0.07 -11.60 -12.60
N ALA B 122 0.59 -11.60 -11.37
CA ALA B 122 1.67 -10.69 -11.06
C ALA B 122 2.74 -11.25 -10.11
N LEU B 123 3.99 -10.99 -10.45
CA LEU B 123 5.13 -11.42 -9.63
C LEU B 123 6.08 -10.25 -9.39
N ALA B 124 6.67 -10.21 -8.20
CA ALA B 124 7.60 -9.17 -7.85
C ALA B 124 8.93 -9.86 -7.48
N TYR B 125 10.05 -9.27 -7.88
CA TYR B 125 11.36 -9.84 -7.59
C TYR B 125 12.26 -8.80 -6.94
N SER B 126 12.92 -9.18 -5.84
CA SER B 126 13.77 -8.24 -5.13
C SER B 126 15.00 -8.99 -4.74
N ALA B 127 16.09 -8.26 -4.61
CA ALA B 127 17.35 -8.89 -4.26
C ALA B 127 17.99 -8.16 -3.08
N TYR B 128 18.42 -8.93 -2.10
CA TYR B 128 19.10 -8.38 -0.92
C TYR B 128 20.57 -8.06 -1.26
N LEU B 129 20.78 -6.87 -1.82
CA LEU B 129 22.09 -6.40 -2.27
C LEU B 129 22.18 -4.89 -2.05
N GLU B 130 23.39 -4.34 -1.88
CA GLU B 130 23.48 -2.88 -1.71
C GLU B 130 23.78 -2.22 -3.04
N ASN B 131 24.41 -2.95 -3.96
CA ASN B 131 24.67 -2.42 -5.29
C ASN B 131 24.67 -3.58 -6.30
N TRP B 132 24.64 -3.26 -7.60
CA TRP B 132 24.56 -4.26 -8.65
C TRP B 132 25.83 -4.95 -9.13
N ASN B 133 26.96 -4.28 -8.97
CA ASN B 133 28.24 -4.80 -9.45
C ASN B 133 28.60 -6.19 -8.99
N GLU B 134 28.38 -6.47 -7.71
CA GLU B 134 28.67 -7.79 -7.17
C GLU B 134 27.93 -8.83 -8.02
N LEU B 135 26.62 -8.64 -8.18
CA LEU B 135 25.82 -9.56 -8.97
C LEU B 135 26.25 -9.60 -10.42
N LEU B 136 26.33 -8.43 -11.05
CA LEU B 136 26.67 -8.38 -12.47
C LEU B 136 27.95 -9.08 -12.85
N ASN B 137 28.93 -9.08 -11.94
CA ASN B 137 30.20 -9.73 -12.24
C ASN B 137 30.22 -11.24 -11.95
N ASN B 138 29.11 -11.76 -11.41
CA ASN B 138 28.98 -13.17 -11.08
C ASN B 138 28.04 -13.87 -12.07
N LYS B 139 28.63 -14.37 -13.16
CA LYS B 139 27.91 -15.07 -14.21
C LYS B 139 26.95 -16.12 -13.65
N GLU B 140 27.45 -16.99 -12.80
CA GLU B 140 26.65 -18.04 -12.19
C GLU B 140 25.43 -17.48 -11.41
N ALA B 141 25.67 -16.46 -10.59
CA ALA B 141 24.61 -15.84 -9.80
C ALA B 141 23.51 -15.34 -10.74
N VAL B 142 23.93 -14.69 -11.81
CA VAL B 142 22.98 -14.15 -12.77
C VAL B 142 22.18 -15.28 -13.41
N GLU B 143 22.82 -16.40 -13.72
CA GLU B 143 22.08 -17.50 -14.33
C GLU B 143 21.07 -18.11 -13.35
N ILE B 144 21.43 -18.18 -12.08
CA ILE B 144 20.54 -18.78 -11.09
C ILE B 144 19.34 -17.85 -10.88
N GLY B 146 18.18 -15.93 -12.97
CA GLY B 146 17.41 -16.05 -14.18
C GLY B 146 16.57 -17.30 -14.23
N ALA B 147 17.12 -18.40 -13.73
CA ALA B 147 16.40 -19.64 -13.73
C ALA B 147 15.16 -19.47 -12.81
N VAL B 148 15.34 -18.82 -11.67
CA VAL B 148 14.20 -18.63 -10.76
C VAL B 148 13.07 -17.80 -11.40
N VAL B 149 13.43 -16.67 -12.01
CA VAL B 149 12.45 -15.79 -12.65
C VAL B 149 11.72 -16.51 -13.80
N SER B 150 12.49 -17.24 -14.61
CA SER B 150 11.91 -17.95 -15.73
C SER B 150 10.97 -19.03 -15.28
N SER B 151 11.37 -19.84 -14.30
CA SER B 151 10.47 -20.89 -13.87
C SER B 151 9.21 -20.35 -13.13
N THR B 152 9.34 -19.36 -12.25
CA THR B 152 8.15 -18.84 -11.57
C THR B 152 7.21 -18.24 -12.60
N ALA B 153 7.74 -17.38 -13.45
CA ALA B 153 6.91 -16.76 -14.46
C ALA B 153 6.31 -17.78 -15.42
N SER B 154 7.10 -18.73 -15.93
CA SER B 154 6.46 -19.66 -16.87
C SER B 154 5.45 -20.56 -16.14
N TYR B 155 5.74 -21.00 -14.91
CA TYR B 155 4.76 -21.80 -14.18
C TYR B 155 3.40 -21.07 -14.08
N VAL B 156 3.45 -19.77 -13.88
CA VAL B 156 2.23 -18.97 -13.76
C VAL B 156 1.63 -18.73 -15.14
N LEU B 157 2.46 -18.52 -16.15
CA LEU B 157 1.93 -18.31 -17.48
C LEU B 157 1.15 -19.57 -17.94
N LYS B 158 1.62 -20.73 -17.52
CA LYS B 158 1.02 -22.00 -17.87
C LYS B 158 -0.17 -22.48 -17.05
N ASN B 159 -0.14 -22.21 -15.74
CA ASN B 159 -1.15 -22.68 -14.81
C ASN B 159 -2.02 -21.63 -14.17
N GLY B 160 -1.68 -20.36 -14.39
CA GLY B 160 -2.45 -19.31 -13.78
C GLY B 160 -1.95 -19.16 -12.36
N PRO B 162 -2.05 -19.51 -8.32
CA PRO B 162 -2.72 -20.48 -7.43
C PRO B 162 -4.01 -19.81 -6.91
N GLN B 163 -5.03 -20.60 -6.71
CA GLN B 163 -6.27 -20.01 -6.25
C GLN B 163 -6.11 -19.34 -4.86
N GLY B 164 -6.65 -18.15 -4.70
CA GLY B 164 -6.51 -17.45 -3.43
C GLY B 164 -5.21 -16.63 -3.29
N VAL B 165 -4.43 -16.52 -4.38
CA VAL B 165 -3.17 -15.79 -4.35
C VAL B 165 -3.20 -14.72 -5.42
N ASP B 166 -2.91 -13.48 -5.04
CA ASP B 166 -2.93 -12.39 -6.00
C ASP B 166 -1.54 -11.98 -6.51
N VAL B 167 -0.52 -12.10 -5.68
CA VAL B 167 0.81 -11.70 -6.06
C VAL B 167 1.77 -12.67 -5.43
N ILE B 168 2.85 -12.97 -6.13
CA ILE B 168 3.86 -13.84 -5.52
C ILE B 168 5.10 -12.98 -5.50
N SER B 169 5.68 -12.85 -4.31
CA SER B 169 6.87 -12.05 -4.11
C SER B 169 8.06 -12.96 -3.88
N VAL B 170 9.11 -12.75 -4.66
CA VAL B 170 10.32 -13.54 -4.60
C VAL B 170 11.45 -12.68 -4.08
N ASN B 171 12.11 -13.13 -3.01
CA ASN B 171 13.25 -12.38 -2.49
C ASN B 171 14.52 -13.24 -2.57
N PHE B 172 15.56 -12.73 -3.25
CA PHE B 172 16.83 -13.41 -3.39
C PHE B 172 17.78 -13.01 -2.27
N PRO B 173 18.57 -13.97 -1.79
CA PRO B 173 19.53 -13.71 -0.72
C PRO B 173 20.79 -13.01 -1.28
N ARG B 174 21.64 -12.51 -0.39
CA ARG B 174 22.84 -11.80 -0.84
C ARG B 174 23.76 -12.67 -1.71
N ARG B 175 23.97 -13.94 -1.34
CA ARG B 175 24.84 -14.82 -2.12
C ARG B 175 24.07 -15.91 -2.85
N LEU B 176 24.21 -15.93 -4.17
CA LEU B 176 23.52 -16.90 -4.97
C LEU B 176 24.49 -17.95 -5.48
N GLY B 177 24.64 -19.01 -4.70
CA GLY B 177 25.54 -20.07 -5.08
C GLY B 177 24.74 -21.23 -5.66
N ARG B 178 25.45 -22.23 -6.14
CA ARG B 178 24.83 -23.39 -6.75
C ARG B 178 23.95 -24.24 -5.82
N GLY B 179 24.15 -24.14 -4.51
CA GLY B 179 23.32 -24.92 -3.62
C GLY B 179 22.06 -24.22 -3.11
N VAL B 180 21.88 -22.95 -3.49
CA VAL B 180 20.72 -22.19 -3.03
C VAL B 180 19.41 -22.78 -3.58
N ARG B 181 18.43 -22.91 -2.69
CA ARG B 181 17.12 -23.41 -3.08
C ARG B 181 16.03 -22.44 -2.57
N ALA B 182 14.84 -22.55 -3.16
CA ALA B 182 13.70 -21.69 -2.82
C ALA B 182 12.81 -22.34 -1.77
N LYS B 183 12.14 -21.52 -0.99
CA LYS B 183 11.26 -22.01 0.04
C LYS B 183 9.98 -21.15 0.14
N LEU B 184 8.82 -21.81 0.24
CA LEU B 184 7.54 -21.14 0.39
C LEU B 184 7.51 -20.63 1.85
N VAL B 185 7.23 -19.34 2.05
CA VAL B 185 7.28 -18.83 3.40
C VAL B 185 6.43 -17.56 3.50
N LYS B 186 5.83 -17.33 4.65
CA LYS B 186 5.00 -16.17 4.81
C LYS B 186 5.87 -14.93 5.10
N ALA B 187 5.26 -13.77 4.99
CA ALA B 187 6.00 -12.54 5.28
C ALA B 187 5.88 -12.24 6.78
N ALA B 188 6.95 -11.74 7.38
CA ALA B 188 6.91 -11.32 8.79
C ALA B 188 6.04 -10.06 8.80
N LYS B 189 5.56 -9.70 9.97
CA LYS B 189 4.75 -8.51 10.09
C LYS B 189 5.63 -7.29 9.95
N LEU B 190 6.71 -7.28 10.71
CA LEU B 190 7.60 -6.14 10.73
C LEU B 190 9.05 -6.48 10.39
N ARG B 191 9.76 -5.52 9.82
CA ARG B 191 11.18 -5.70 9.51
C ARG B 191 11.99 -4.79 10.44
N TYR B 192 11.57 -3.54 10.55
CA TYR B 192 12.26 -2.51 11.32
C TYR B 192 11.70 -2.20 12.70
N ALA B 193 12.58 -2.10 13.70
CA ALA B 193 12.14 -1.74 15.04
C ALA B 193 11.68 -0.27 15.05
N GLN B 194 10.96 0.18 16.07
CA GLN B 194 10.53 1.57 16.03
C GLN B 194 11.55 2.62 16.50
N GLN B 195 12.71 2.16 16.99
CA GLN B 195 13.80 3.03 17.44
C GLN B 195 14.09 4.24 16.53
N VAL B 196 14.00 5.44 17.08
CA VAL B 196 14.26 6.68 16.33
C VAL B 196 15.58 7.30 16.81
N VAL B 197 16.44 7.69 15.87
CA VAL B 197 17.73 8.33 16.21
C VAL B 197 17.59 9.84 16.00
N GLU B 198 17.82 10.60 17.06
CA GLU B 198 17.71 12.05 17.01
C GLU B 198 19.05 12.70 16.91
N ARG B 199 19.18 13.64 15.98
CA ARG B 199 20.44 14.37 15.82
C ARG B 199 20.16 15.84 15.61
N VAL B 200 21.22 16.62 15.51
CA VAL B 200 21.12 18.07 15.33
C VAL B 200 21.95 18.44 14.11
N ASP B 201 21.37 19.17 13.17
CA ASP B 201 22.12 19.52 11.97
C ASP B 201 23.17 20.64 12.27
N PRO B 202 24.01 21.01 11.28
CA PRO B 202 25.02 22.05 11.51
C PRO B 202 24.50 23.35 12.12
N ARG B 203 23.22 23.63 11.89
CA ARG B 203 22.62 24.85 12.40
C ARG B 203 21.84 24.68 13.67
N GLY B 204 22.01 23.54 14.32
CA GLY B 204 21.30 23.31 15.56
C GLY B 204 19.83 22.87 15.48
N VAL B 205 19.33 22.57 14.29
CA VAL B 205 17.95 22.11 14.18
C VAL B 205 17.92 20.58 14.20
N ARG B 206 17.07 20.03 15.06
CA ARG B 206 16.96 18.59 15.20
C ARG B 206 16.45 17.86 13.96
N TYR B 207 16.88 16.61 13.80
CA TYR B 207 16.38 15.80 12.69
C TYR B 207 16.36 14.36 13.22
N TYR B 208 15.59 13.51 12.55
CA TYR B 208 15.39 12.16 13.02
C TYR B 208 15.57 11.08 11.97
N TRP B 209 16.31 10.03 12.34
CA TRP B 209 16.44 8.90 11.44
C TRP B 209 15.49 7.80 11.96
N LEU B 210 14.62 7.33 11.09
CA LEU B 210 13.70 6.25 11.45
C LEU B 210 14.18 4.93 10.84
N TYR B 211 13.70 3.82 11.40
CA TYR B 211 14.00 2.50 10.87
C TYR B 211 15.47 2.15 10.78
N GLY B 212 16.28 2.68 11.67
CA GLY B 212 17.69 2.37 11.61
C GLY B 212 18.03 0.99 12.19
N ARG B 213 17.11 0.40 12.96
CA ARG B 213 17.36 -0.90 13.58
C ARG B 213 16.44 -1.99 13.07
N ASP B 214 17.03 -3.12 12.70
CA ASP B 214 16.28 -4.29 12.24
C ASP B 214 15.85 -5.10 13.45
N LEU B 215 14.67 -5.69 13.39
CA LEU B 215 14.24 -6.56 14.49
C LEU B 215 14.94 -7.89 14.18
N ALA B 216 15.09 -8.74 15.19
CA ALA B 216 15.72 -10.05 15.00
C ALA B 216 14.70 -10.90 14.24
N PRO B 217 15.07 -11.48 13.10
CA PRO B 217 14.07 -12.27 12.38
C PRO B 217 13.65 -13.61 13.04
N GLU B 218 12.38 -13.98 12.84
CA GLU B 218 11.85 -15.22 13.37
C GLU B 218 11.83 -16.27 12.27
N PRO B 219 12.12 -17.53 12.61
CA PRO B 219 12.13 -18.62 11.62
C PRO B 219 10.80 -18.70 10.94
N GLU B 220 10.80 -19.26 9.74
CA GLU B 220 9.59 -19.43 8.96
C GLU B 220 8.98 -18.11 8.46
N THR B 221 9.80 -17.07 8.34
CA THR B 221 9.33 -15.80 7.76
C THR B 221 10.29 -15.45 6.66
N ASP B 222 9.79 -14.67 5.70
CA ASP B 222 10.58 -14.26 4.58
C ASP B 222 11.94 -13.65 4.99
N VAL B 223 11.89 -12.74 5.97
CA VAL B 223 13.07 -12.03 6.44
C VAL B 223 14.16 -12.99 6.91
N TYR B 224 13.74 -14.01 7.65
CA TYR B 224 14.65 -15.00 8.18
C TYR B 224 15.27 -15.86 7.08
N VAL B 225 14.44 -16.34 6.17
CA VAL B 225 14.92 -17.18 5.09
C VAL B 225 15.98 -16.46 4.23
N VAL B 226 15.76 -15.19 3.98
CA VAL B 226 16.70 -14.45 3.17
C VAL B 226 17.98 -14.02 3.92
N LEU B 227 17.79 -13.39 5.07
CA LEU B 227 18.89 -12.86 5.87
C LEU B 227 19.67 -13.88 6.68
N LYS B 228 18.98 -14.85 7.26
CA LYS B 228 19.66 -15.82 8.10
C LYS B 228 19.89 -17.14 7.38
N GLU B 229 18.92 -17.59 6.62
CA GLU B 229 19.10 -18.86 5.93
C GLU B 229 19.84 -18.72 4.60
N GLY B 230 19.80 -17.53 3.99
CA GLY B 230 20.44 -17.33 2.70
C GLY B 230 19.73 -18.14 1.64
N GLY B 231 18.43 -18.33 1.85
CA GLY B 231 17.65 -19.06 0.85
C GLY B 231 16.84 -18.06 0.02
N ILE B 232 16.15 -18.56 -1.01
CA ILE B 232 15.28 -17.73 -1.85
C ILE B 232 13.87 -17.85 -1.25
N ALA B 233 13.29 -16.75 -0.83
CA ALA B 233 11.97 -16.78 -0.24
C ALA B 233 10.92 -16.53 -1.31
N ILE B 234 9.87 -17.35 -1.29
CA ILE B 234 8.75 -17.25 -2.21
C ILE B 234 7.54 -17.02 -1.31
N THR B 235 6.93 -15.83 -1.42
CA THR B 235 5.83 -15.43 -0.56
C THR B 235 4.54 -15.11 -1.35
N PRO B 236 3.49 -15.91 -1.11
CA PRO B 236 2.19 -15.75 -1.76
C PRO B 236 1.36 -14.68 -0.98
N LEU B 237 0.91 -13.65 -1.70
CA LEU B 237 0.15 -12.60 -1.06
C LEU B 237 -1.25 -12.51 -1.60
N THR B 238 -2.18 -12.17 -0.70
CA THR B 238 -3.57 -11.98 -1.07
C THR B 238 -3.89 -10.49 -0.85
N LEU B 239 -4.66 -9.89 -1.76
CA LEU B 239 -5.03 -8.49 -1.60
C LEU B 239 -6.43 -8.34 -1.03
N ASN B 240 -6.97 -9.45 -0.55
CA ASN B 240 -8.30 -9.40 0.02
C ASN B 240 -8.16 -8.91 1.47
N LEU B 241 -8.19 -7.58 1.66
CA LEU B 241 -8.06 -6.96 3.00
C LEU B 241 -9.39 -6.95 3.77
N ASN B 242 -10.41 -7.50 3.18
CA ASN B 242 -11.67 -7.49 3.88
C ASN B 242 -11.67 -8.45 5.03
N ALA B 243 -11.84 -7.91 6.25
CA ALA B 243 -11.87 -8.73 7.44
C ALA B 243 -13.14 -9.62 7.50
N VAL B 244 -14.23 -9.15 6.91
CA VAL B 244 -15.48 -9.91 6.88
C VAL B 244 -15.18 -11.34 6.37
N ASP B 245 -14.40 -11.42 5.28
CA ASP B 245 -14.02 -12.68 4.67
C ASP B 245 -12.93 -13.39 5.52
N ALA B 246 -13.37 -14.25 6.44
CA ALA B 246 -12.47 -14.99 7.34
C ALA B 246 -12.15 -16.42 6.90
N HIS B 247 -13.08 -17.10 6.25
CA HIS B 247 -12.81 -18.47 5.82
C HIS B 247 -12.44 -18.38 4.34
N ARG B 248 -11.16 -18.26 4.06
CA ARG B 248 -10.71 -18.14 2.68
C ARG B 248 -10.24 -19.47 2.18
N GLU B 249 -9.90 -19.53 0.91
CA GLU B 249 -9.43 -20.76 0.35
C GLU B 249 -8.21 -20.55 -0.52
N VAL B 250 -7.15 -21.24 -0.19
CA VAL B 250 -5.92 -21.13 -0.95
C VAL B 250 -5.53 -22.51 -1.42
N ASP B 251 -5.09 -22.61 -2.67
CA ASP B 251 -4.65 -23.90 -3.19
C ASP B 251 -3.21 -24.05 -2.77
N ASP B 253 -1.46 -26.74 -2.39
CA ASP B 253 -0.60 -27.67 -3.08
C ASP B 253 -0.01 -27.08 -4.37
N SER B 254 -0.77 -26.25 -5.05
CA SER B 254 -0.30 -25.63 -6.26
C SER B 254 0.92 -24.75 -5.93
N LEU B 255 0.90 -24.09 -4.78
CA LEU B 255 2.06 -23.32 -4.35
C LEU B 255 3.29 -24.24 -4.15
N ASN B 256 3.06 -25.37 -3.49
CA ASN B 256 4.14 -26.31 -3.24
C ASN B 256 4.65 -26.88 -4.56
N ARG B 257 3.76 -27.15 -5.50
CA ARG B 257 4.22 -27.68 -6.78
C ARG B 257 5.03 -26.61 -7.53
N VAL B 259 6.95 -24.31 -6.11
CA VAL B 259 8.27 -24.26 -5.50
C VAL B 259 9.11 -25.48 -5.93
N GLU B 260 8.49 -26.66 -5.97
CA GLU B 260 9.20 -27.85 -6.41
C GLU B 260 9.66 -27.67 -7.88
N TYR B 261 8.86 -26.99 -8.70
CA TYR B 261 9.25 -26.76 -10.08
C TYR B 261 10.46 -25.81 -10.09
N ILE B 262 10.49 -24.85 -9.17
CA ILE B 262 11.62 -23.92 -9.10
C ILE B 262 12.88 -24.68 -8.72
N ASN B 263 12.78 -25.48 -7.67
CA ASN B 263 13.93 -26.21 -7.20
C ASN B 263 14.42 -27.28 -8.18
N ALA B 264 13.53 -27.81 -8.99
CA ALA B 264 13.94 -28.77 -10.00
C ALA B 264 14.80 -28.00 -11.04
N SER B 265 14.34 -26.81 -11.46
CA SER B 265 15.10 -26.01 -12.43
C SER B 265 16.46 -25.63 -11.87
N LEU B 266 16.53 -25.36 -10.56
CA LEU B 266 17.79 -24.97 -9.94
C LEU B 266 18.79 -26.13 -9.90
N SER B 267 18.25 -27.34 -9.70
CA SER B 267 19.02 -28.57 -9.64
C SER B 267 19.50 -28.88 -11.04
N LYS B 268 18.60 -28.80 -12.00
CA LYS B 268 18.98 -29.04 -13.38
C LYS B 268 20.08 -28.06 -13.75
N LEU B 269 19.95 -26.81 -13.36
CA LEU B 269 20.96 -25.81 -13.66
C LEU B 269 22.31 -26.12 -13.01
N ALA B 270 22.30 -26.44 -11.72
CA ALA B 270 23.55 -26.71 -11.03
C ALA B 270 24.24 -27.95 -11.58
N ALA B 271 23.45 -28.83 -12.17
CA ALA B 271 23.98 -30.06 -12.77
C ALA B 271 24.79 -29.58 -13.96
N ALA B 272 24.11 -28.90 -14.87
CA ALA B 272 24.73 -28.36 -16.07
C ALA B 272 25.95 -27.50 -15.74
N LEU B 273 25.82 -26.57 -14.81
CA LEU B 273 26.93 -25.69 -14.46
C LEU B 273 28.22 -26.41 -14.07
N GLU B 274 28.10 -27.68 -13.73
CA GLU B 274 29.28 -28.46 -13.37
C GLU B 274 29.84 -29.15 -14.60
N HIS B 275 29.02 -29.96 -15.26
CA HIS B 275 29.46 -30.67 -16.46
C HIS B 275 30.15 -29.73 -17.46
N HIS B 276 29.76 -28.45 -17.44
CA HIS B 276 30.35 -27.45 -18.33
C HIS B 276 31.68 -26.96 -17.76
N HIS B 277 31.64 -26.35 -16.58
CA HIS B 277 32.87 -25.89 -15.92
C HIS B 277 33.61 -27.11 -15.40
N HIS B 278 33.41 -28.23 -16.10
CA HIS B 278 34.02 -29.50 -15.78
C HIS B 278 35.52 -29.41 -16.01
#